data_8XHS
#
_entry.id   8XHS
#
loop_
_entity.id
_entity.type
_entity.pdbx_description
1 polymer KmAgo
2 water water
#
_entity_poly.entity_id   1
_entity_poly.type   'polypeptide(L)'
_entity_poly.pdbx_seq_one_letter_code
;MEAYITEMVSRERANELEVYVYVFPRKQSDNNYEGVYHIMRAWQRANDLPLAYNQHTIMAFSPVRHMCGYTPMETQKRHI
NIDSPFERALLERLIKNSLIFTAERHLHAKRVGHALRLNQVQQIRQVIIYEAIELYVNIIENRISIGFHLTHQFEYVYTL
QSMIEQGKTIRPGMRVVHSNGRQHYTYTVENVATYGVTDRCPLLQTSIYQYYVEKGAQHILRTFTRSTRVIHVRTKEQRL
SYAATLLKPLCTFETMQPQDVLNVSKCIKLSASKRMKCTYRWIQQLRAQYRHLTFAPNPFTIAQNGYKLDQLSTPKVHFH
RDYATVVSGMKTGKLYKGGNIKISVLFDEDFYLKHHITKKDIYQFIAVLQKIAIAQGVNMTISTSTKSITGKFTDDFFHH
FTEEVEALQPIFAQTTVLAFITSTHLSNKKTRSYQLLKQYFGGKWDIASQVITEKTIEAFQKILHKHGLKNFYPNDEQHC
LRVIDVLKNESFYYTVMNILLGVYVKSGIQPWILANTTHSDCFIGIDVSHENGNSAAGMMNVIGSQGHLIQQAPLNGILA
GEKIDDTLLANLLKQMIKAYHTQFQRFPKHITIHRDGFWREHTALVEKIMSHYEITYDIVEIIKKPNRRMAFFNSVDNTF
STRQGTVYQRGNEAFLCATNPQQKVGMAQPIKIHQVTKTLPFSHIIEDVYNLSFLHIHAMNKMRLPATIHYADLSATAYQ
RGQVMPRSGNQTNLPFV
;
_entity_poly.pdbx_strand_id   A
#
# COMPACT_ATOMS: atom_id res chain seq x y z
CA MET A 1 -19.13 6.26 18.01
C MET A 1 -19.92 6.33 16.70
N GLU A 2 -19.38 7.06 15.72
CA GLU A 2 -20.04 7.20 14.43
C GLU A 2 -19.04 6.91 13.32
N ALA A 3 -19.40 5.99 12.42
CA ALA A 3 -18.52 5.69 11.31
C ALA A 3 -18.52 6.83 10.30
N TYR A 4 -17.35 7.13 9.74
CA TYR A 4 -17.19 8.25 8.82
C TYR A 4 -16.38 7.81 7.61
N ILE A 5 -16.43 8.63 6.56
CA ILE A 5 -15.68 8.38 5.34
C ILE A 5 -15.50 9.71 4.63
N THR A 6 -14.40 9.83 3.88
CA THR A 6 -14.11 11.04 3.11
C THR A 6 -14.85 11.02 1.77
N GLU A 7 -16.17 10.98 1.87
CA GLU A 7 -17.06 10.90 0.72
C GLU A 7 -18.32 11.69 1.01
N MET A 8 -19.04 12.05 -0.06
CA MET A 8 -20.25 12.85 0.10
C MET A 8 -21.10 12.74 -1.16
N VAL A 9 -22.41 12.63 -0.98
CA VAL A 9 -23.35 12.36 -2.07
C VAL A 9 -24.40 13.46 -2.10
N SER A 10 -24.67 13.99 -3.29
CA SER A 10 -25.66 15.03 -3.47
C SER A 10 -27.06 14.44 -3.58
N ARG A 11 -28.06 15.25 -3.24
CA ARG A 11 -29.45 14.83 -3.27
C ARG A 11 -30.09 14.94 -4.65
N GLU A 12 -29.36 15.44 -5.64
CA GLU A 12 -29.86 15.57 -7.00
C GLU A 12 -29.31 14.43 -7.85
N ARG A 13 -30.21 13.67 -8.46
CA ARG A 13 -29.78 12.59 -9.35
C ARG A 13 -29.18 13.16 -10.63
N ALA A 14 -28.29 12.38 -11.25
CA ALA A 14 -27.56 12.86 -12.41
C ALA A 14 -28.45 13.10 -13.62
N ASN A 15 -29.65 12.50 -13.67
CA ASN A 15 -30.56 12.70 -14.78
C ASN A 15 -31.59 13.81 -14.53
N GLU A 16 -31.51 14.49 -13.38
CA GLU A 16 -32.36 15.65 -13.10
C GLU A 16 -31.57 16.95 -13.07
N LEU A 17 -30.38 16.96 -13.67
CA LEU A 17 -29.60 18.18 -13.83
C LEU A 17 -29.72 18.67 -15.26
N GLU A 18 -30.13 19.92 -15.43
CA GLU A 18 -30.29 20.51 -16.75
C GLU A 18 -28.95 21.13 -17.18
N VAL A 19 -28.52 20.78 -18.40
CA VAL A 19 -27.23 21.21 -18.92
C VAL A 19 -27.41 21.71 -20.35
N TYR A 20 -26.47 22.54 -20.79
CA TYR A 20 -26.45 23.05 -22.14
C TYR A 20 -25.38 22.29 -22.92
N VAL A 21 -25.79 21.66 -24.02
CA VAL A 21 -24.94 20.81 -24.84
C VAL A 21 -24.79 21.44 -26.21
N TYR A 22 -23.54 21.51 -26.69
CA TYR A 22 -23.23 22.09 -27.99
C TYR A 22 -22.46 21.07 -28.80
N VAL A 23 -22.84 20.92 -30.07
CA VAL A 23 -22.24 19.93 -30.96
C VAL A 23 -21.55 20.66 -32.11
N PHE A 24 -20.35 20.22 -32.45
CA PHE A 24 -19.51 20.82 -33.47
C PHE A 24 -19.15 19.79 -34.53
N PRO A 25 -18.86 20.24 -35.75
CA PRO A 25 -18.45 19.32 -36.82
C PRO A 25 -16.94 19.13 -36.89
N GLY A 35 -10.39 15.87 -30.97
CA GLY A 35 -11.56 16.68 -30.71
C GLY A 35 -11.25 18.16 -30.57
N VAL A 36 -12.30 18.96 -30.41
CA VAL A 36 -12.12 20.41 -30.29
C VAL A 36 -11.59 20.75 -28.89
N TYR A 37 -10.53 21.54 -28.85
CA TYR A 37 -9.91 21.97 -27.60
C TYR A 37 -9.81 23.48 -27.50
N HIS A 38 -9.48 24.16 -28.60
CA HIS A 38 -9.36 25.61 -28.56
C HIS A 38 -10.71 26.29 -28.32
N ILE A 39 -11.81 25.65 -28.75
CA ILE A 39 -13.13 26.24 -28.56
C ILE A 39 -13.44 26.38 -27.07
N MET A 40 -13.12 25.35 -26.28
CA MET A 40 -13.38 25.44 -24.84
C MET A 40 -12.56 26.55 -24.21
N ARG A 41 -11.29 26.66 -24.60
CA ARG A 41 -10.44 27.71 -24.04
C ARG A 41 -10.96 29.10 -24.38
N ALA A 42 -11.37 29.30 -25.64
CA ALA A 42 -11.91 30.59 -26.05
C ALA A 42 -13.20 30.90 -25.30
N TRP A 43 -14.07 29.90 -25.12
CA TRP A 43 -15.33 30.12 -24.43
C TRP A 43 -15.15 30.25 -22.92
N GLN A 44 -14.03 29.78 -22.38
CA GLN A 44 -13.75 29.88 -20.96
C GLN A 44 -13.06 31.19 -20.59
N ARG A 45 -12.19 31.69 -21.48
CA ARG A 45 -11.57 33.00 -21.24
C ARG A 45 -12.61 34.10 -21.16
N ALA A 46 -13.60 34.06 -22.05
CA ALA A 46 -14.70 35.02 -22.04
C ALA A 46 -15.87 34.47 -21.25
N ASN A 47 -16.62 35.39 -20.63
CA ASN A 47 -17.87 35.13 -19.92
C ASN A 47 -17.59 34.43 -18.59
N ASP A 48 -16.36 34.00 -18.38
CA ASP A 48 -15.87 33.49 -17.09
C ASP A 48 -16.82 32.46 -16.49
N LEU A 49 -16.96 31.34 -17.19
CA LEU A 49 -17.82 30.26 -16.76
C LEU A 49 -17.08 28.93 -16.86
N PRO A 50 -17.49 27.93 -16.08
CA PRO A 50 -16.89 26.60 -16.21
C PRO A 50 -17.51 25.81 -17.35
N LEU A 51 -16.70 24.97 -17.97
CA LEU A 51 -17.10 24.22 -19.16
C LEU A 51 -16.54 22.81 -19.05
N ALA A 52 -16.87 21.98 -20.05
CA ALA A 52 -16.19 20.71 -20.24
C ALA A 52 -16.37 20.28 -21.69
N TYR A 53 -15.48 19.43 -22.17
CA TYR A 53 -15.58 18.93 -23.53
C TYR A 53 -15.25 17.45 -23.57
N ASN A 54 -15.74 16.79 -24.62
CA ASN A 54 -15.37 15.42 -24.93
C ASN A 54 -15.57 15.23 -26.43
N GLN A 55 -14.53 14.78 -27.11
CA GLN A 55 -14.51 14.71 -28.57
C GLN A 55 -14.88 16.07 -29.16
N HIS A 56 -15.97 16.14 -29.92
CA HIS A 56 -16.42 17.38 -30.52
C HIS A 56 -17.61 17.99 -29.79
N THR A 57 -17.96 17.47 -28.61
CA THR A 57 -19.11 17.95 -27.86
C THR A 57 -18.65 18.78 -26.67
N ILE A 58 -19.38 19.85 -26.38
CA ILE A 58 -19.07 20.74 -25.26
C ILE A 58 -20.29 20.85 -24.36
N MET A 59 -20.11 20.59 -23.07
CA MET A 59 -21.20 20.64 -22.10
C MET A 59 -20.91 21.72 -21.07
N ALA A 60 -21.97 22.42 -20.65
CA ALA A 60 -21.86 23.49 -19.67
C ALA A 60 -23.11 23.49 -18.80
N PHE A 61 -23.03 24.20 -17.67
CA PHE A 61 -24.15 24.31 -16.75
C PHE A 61 -25.09 25.46 -17.09
N SER A 62 -24.59 26.50 -17.74
CA SER A 62 -25.37 27.67 -18.10
C SER A 62 -25.12 28.02 -19.56
N PRO A 63 -26.07 28.72 -20.20
CA PRO A 63 -25.91 29.04 -21.61
C PRO A 63 -24.74 30.00 -21.84
N VAL A 64 -23.83 29.60 -22.73
CA VAL A 64 -22.67 30.44 -23.04
C VAL A 64 -23.14 31.66 -23.83
N ARG A 65 -22.56 32.81 -23.51
CA ARG A 65 -22.88 34.06 -24.16
C ARG A 65 -21.60 34.74 -24.63
N HIS A 66 -21.74 35.57 -25.66
CA HIS A 66 -20.60 36.30 -26.25
C HIS A 66 -19.52 35.32 -26.71
N MET A 67 -19.89 34.49 -27.68
CA MET A 67 -18.97 33.50 -28.21
C MET A 67 -17.81 34.17 -28.93
N CYS A 68 -16.60 33.66 -28.71
CA CYS A 68 -15.44 34.15 -29.44
C CYS A 68 -15.57 33.87 -30.93
N GLY A 69 -16.07 32.69 -31.28
CA GLY A 69 -16.25 32.35 -32.67
C GLY A 69 -16.87 30.97 -32.80
N TYR A 70 -16.83 30.46 -34.03
CA TYR A 70 -17.30 29.11 -34.37
C TYR A 70 -18.81 28.99 -34.27
N THR A 71 -19.40 28.13 -35.10
CA THR A 71 -20.85 27.94 -35.15
C THR A 71 -21.17 26.49 -34.82
N PRO A 72 -21.72 26.20 -33.64
CA PRO A 72 -22.09 24.81 -33.30
C PRO A 72 -23.17 24.30 -34.25
N MET A 73 -23.11 23.01 -34.56
CA MET A 73 -24.14 22.38 -35.37
C MET A 73 -25.49 22.47 -34.69
N GLU A 74 -25.52 22.16 -33.39
CA GLU A 74 -26.76 22.20 -32.64
C GLU A 74 -26.47 22.58 -31.20
N THR A 75 -27.40 23.31 -30.60
CA THR A 75 -27.38 23.66 -29.19
C THR A 75 -28.67 23.18 -28.53
N GLN A 76 -28.54 22.56 -27.36
CA GLN A 76 -29.67 21.97 -26.67
C GLN A 76 -29.59 22.30 -25.19
N LYS A 77 -30.77 22.42 -24.57
CA LYS A 77 -30.91 22.48 -23.13
C LYS A 77 -31.62 21.18 -22.72
N ARG A 78 -30.86 20.25 -22.15
CA ARG A 78 -31.34 18.88 -22.00
C ARG A 78 -30.85 18.30 -20.68
N HIS A 79 -31.30 17.08 -20.39
CA HIS A 79 -30.68 16.22 -19.41
C HIS A 79 -29.63 15.37 -20.12
N ILE A 80 -29.12 14.33 -19.46
CA ILE A 80 -28.17 13.42 -20.06
C ILE A 80 -28.81 12.04 -20.20
N ASN A 81 -28.09 11.15 -20.86
CA ASN A 81 -28.50 9.76 -21.04
C ASN A 81 -27.76 8.91 -20.01
N ILE A 82 -28.52 8.22 -19.16
CA ILE A 82 -27.92 7.43 -18.09
C ILE A 82 -27.11 6.27 -18.68
N ASP A 83 -27.60 5.68 -19.76
CA ASP A 83 -26.97 4.50 -20.35
C ASP A 83 -25.87 4.85 -21.35
N SER A 84 -25.62 6.14 -21.60
CA SER A 84 -24.58 6.53 -22.55
C SER A 84 -23.25 6.69 -21.82
N PRO A 85 -22.25 5.88 -22.14
CA PRO A 85 -20.93 6.07 -21.49
C PRO A 85 -20.23 7.34 -21.91
N PHE A 86 -20.61 7.95 -23.03
CA PHE A 86 -20.02 9.20 -23.48
C PHE A 86 -20.58 10.41 -22.74
N GLU A 87 -21.86 10.37 -22.37
CA GLU A 87 -22.50 11.49 -21.70
C GLU A 87 -22.33 11.46 -20.19
N ARG A 88 -21.72 10.42 -19.64
CA ARG A 88 -21.46 10.33 -18.21
C ARG A 88 -20.07 10.82 -17.85
N ALA A 89 -19.05 10.44 -18.63
CA ALA A 89 -17.71 10.97 -18.39
C ALA A 89 -17.67 12.47 -18.61
N LEU A 90 -18.42 12.97 -19.60
CA LEU A 90 -18.49 14.41 -19.83
C LEU A 90 -19.10 15.13 -18.64
N LEU A 91 -20.17 14.59 -18.06
CA LEU A 91 -20.77 15.23 -16.90
C LEU A 91 -19.87 15.14 -15.67
N GLU A 92 -19.15 14.03 -15.51
CA GLU A 92 -18.19 13.94 -14.42
C GLU A 92 -17.10 15.01 -14.57
N ARG A 93 -16.59 15.18 -15.78
CA ARG A 93 -15.59 16.20 -16.02
C ARG A 93 -16.14 17.60 -15.76
N LEU A 94 -17.38 17.85 -16.17
CA LEU A 94 -18.00 19.15 -15.95
C LEU A 94 -18.19 19.43 -14.46
N ILE A 95 -18.64 18.44 -13.69
CA ILE A 95 -18.83 18.64 -12.25
C ILE A 95 -17.50 18.88 -11.57
N LYS A 96 -16.47 18.11 -11.93
CA LYS A 96 -15.16 18.33 -11.34
C LYS A 96 -14.62 19.72 -11.68
N ASN A 97 -14.82 20.16 -12.93
CA ASN A 97 -14.37 21.49 -13.32
C ASN A 97 -15.13 22.58 -12.57
N SER A 98 -16.42 22.39 -12.34
CA SER A 98 -17.19 23.36 -11.57
C SER A 98 -16.71 23.43 -10.13
N LEU A 99 -16.42 22.28 -9.53
CA LEU A 99 -15.87 22.25 -8.18
C LEU A 99 -14.53 22.96 -8.11
N ILE A 100 -13.66 22.71 -9.08
CA ILE A 100 -12.37 23.38 -9.11
C ILE A 100 -12.54 24.88 -9.31
N PHE A 101 -13.52 25.28 -10.12
CA PHE A 101 -13.78 26.69 -10.36
C PHE A 101 -14.19 27.39 -9.07
N THR A 102 -15.17 26.83 -8.35
CA THR A 102 -15.62 27.49 -7.13
C THR A 102 -14.56 27.45 -6.04
N ALA A 103 -13.77 26.36 -5.96
CA ALA A 103 -12.69 26.31 -4.99
C ALA A 103 -11.62 27.35 -5.29
N GLU A 104 -11.27 27.51 -6.57
CA GLU A 104 -10.23 28.47 -6.93
C GLU A 104 -10.70 29.91 -6.83
N ARG A 105 -12.00 30.17 -6.97
CA ARG A 105 -12.49 31.54 -6.84
C ARG A 105 -12.77 31.92 -5.39
N HIS A 106 -13.62 31.15 -4.70
CA HIS A 106 -14.05 31.57 -3.36
C HIS A 106 -13.13 31.09 -2.25
N LEU A 107 -12.44 29.97 -2.43
CA LEU A 107 -11.56 29.43 -1.40
C LEU A 107 -10.10 29.73 -1.66
N HIS A 108 -9.78 30.50 -2.71
CA HIS A 108 -8.43 30.93 -3.03
C HIS A 108 -7.47 29.77 -3.25
N ALA A 109 -7.99 28.58 -3.55
CA ALA A 109 -7.12 27.44 -3.85
C ALA A 109 -6.44 27.65 -5.20
N LYS A 110 -5.39 26.87 -5.44
CA LYS A 110 -4.63 26.97 -6.68
C LYS A 110 -4.48 25.59 -7.30
N ARG A 111 -4.90 25.47 -8.56
CA ARG A 111 -4.77 24.22 -9.31
C ARG A 111 -3.30 23.99 -9.64
N VAL A 112 -2.66 23.04 -8.96
CA VAL A 112 -1.26 22.71 -9.19
C VAL A 112 -1.16 21.21 -9.40
N GLY A 113 -0.41 20.81 -10.44
CA GLY A 113 -0.28 19.40 -10.78
C GLY A 113 -1.63 18.77 -11.06
N HIS A 114 -2.10 17.92 -10.15
CA HIS A 114 -3.44 17.37 -10.23
C HIS A 114 -4.32 17.77 -9.05
N ALA A 115 -3.78 18.44 -8.05
CA ALA A 115 -4.50 18.79 -6.83
C ALA A 115 -4.67 20.30 -6.73
N LEU A 116 -5.26 20.73 -5.61
CA LEU A 116 -5.47 22.15 -5.33
C LEU A 116 -4.75 22.49 -4.03
N ARG A 117 -3.69 23.29 -4.13
CA ARG A 117 -3.07 23.86 -2.93
C ARG A 117 -4.08 24.77 -2.24
N LEU A 118 -4.22 24.60 -0.92
CA LEU A 118 -5.30 25.28 -0.23
C LEU A 118 -4.84 26.18 0.93
N ASN A 119 -3.74 25.87 1.60
CA ASN A 119 -3.28 26.69 2.71
C ASN A 119 -1.81 26.38 3.00
N GLN A 120 -1.30 27.01 4.06
CA GLN A 120 0.07 26.87 4.50
C GLN A 120 0.10 26.24 5.89
N VAL A 121 1.01 25.27 6.09
CA VAL A 121 1.13 24.56 7.35
C VAL A 121 2.53 24.68 7.95
N GLN A 122 3.57 24.50 7.14
CA GLN A 122 4.90 24.39 7.70
C GLN A 122 5.96 24.73 6.66
N GLN A 123 7.15 25.05 7.16
CA GLN A 123 8.35 25.24 6.36
C GLN A 123 9.53 24.67 7.11
N ILE A 124 10.30 23.81 6.46
CA ILE A 124 11.44 23.12 7.07
C ILE A 124 12.67 23.41 6.22
N ARG A 125 13.67 24.04 6.82
CA ARG A 125 14.91 24.39 6.14
C ARG A 125 14.64 25.22 4.89
N GLN A 126 14.65 24.58 3.73
CA GLN A 126 14.53 25.26 2.44
C GLN A 126 13.29 24.77 1.68
N VAL A 127 12.34 24.17 2.40
CA VAL A 127 11.20 23.50 1.76
C VAL A 127 9.91 23.98 2.43
N ILE A 128 9.02 24.59 1.65
CA ILE A 128 7.67 24.91 2.10
C ILE A 128 6.78 23.71 1.84
N ILE A 129 5.93 23.39 2.82
CA ILE A 129 5.00 22.27 2.71
C ILE A 129 3.59 22.85 2.64
N TYR A 130 2.92 22.66 1.51
CA TYR A 130 1.52 23.04 1.36
C TYR A 130 0.64 21.82 1.47
N GLU A 131 -0.60 22.03 1.90
CA GLU A 131 -1.62 21.00 1.90
C GLU A 131 -2.49 21.15 0.66
N ALA A 132 -2.65 20.07 -0.08
CA ALA A 132 -3.39 20.05 -1.33
C ALA A 132 -4.55 19.08 -1.21
N ILE A 133 -5.72 19.51 -1.62
CA ILE A 133 -6.89 18.65 -1.67
C ILE A 133 -7.01 18.06 -3.07
N GLU A 134 -7.55 16.85 -3.14
CA GLU A 134 -7.77 16.15 -4.40
C GLU A 134 -9.21 15.68 -4.44
N LEU A 135 -9.91 15.99 -5.54
CA LEU A 135 -11.33 15.71 -5.68
C LEU A 135 -11.55 14.66 -6.76
N TYR A 136 -12.52 13.77 -6.53
CA TYR A 136 -12.91 12.75 -7.49
C TYR A 136 -14.43 12.72 -7.57
N VAL A 137 -14.97 12.73 -8.78
CA VAL A 137 -16.40 12.74 -9.01
C VAL A 137 -16.78 11.51 -9.81
N ASN A 138 -17.80 10.78 -9.35
CA ASN A 138 -18.25 9.58 -10.02
C ASN A 138 -19.77 9.55 -10.04
N ILE A 139 -20.32 8.83 -11.03
CA ILE A 139 -21.76 8.62 -11.15
C ILE A 139 -22.01 7.13 -10.99
N ILE A 140 -22.64 6.75 -9.89
CA ILE A 140 -22.93 5.35 -9.58
C ILE A 140 -24.40 5.24 -9.22
N GLU A 141 -25.08 4.25 -9.81
CA GLU A 141 -26.54 4.08 -9.73
C GLU A 141 -27.29 5.42 -9.74
N ASN A 142 -26.97 6.24 -10.74
CA ASN A 142 -27.64 7.52 -10.99
C ASN A 142 -27.48 8.51 -9.85
N ARG A 143 -26.43 8.33 -9.04
CA ARG A 143 -26.12 9.22 -7.92
C ARG A 143 -24.72 9.76 -8.12
N ILE A 144 -24.54 11.06 -7.89
CA ILE A 144 -23.24 11.71 -8.02
C ILE A 144 -22.55 11.67 -6.65
N SER A 145 -21.35 11.10 -6.62
CA SER A 145 -20.59 10.94 -5.39
C SER A 145 -19.23 11.62 -5.56
N ILE A 146 -18.86 12.42 -4.57
CA ILE A 146 -17.59 13.15 -4.56
C ILE A 146 -16.75 12.61 -3.41
N GLY A 147 -15.56 12.12 -3.74
CA GLY A 147 -14.59 11.72 -2.74
C GLY A 147 -13.41 12.68 -2.75
N PHE A 148 -12.68 12.76 -1.64
CA PHE A 148 -11.61 13.73 -1.56
C PHE A 148 -10.48 13.19 -0.68
N HIS A 149 -9.27 13.63 -0.99
CA HIS A 149 -8.07 13.21 -0.29
C HIS A 149 -7.24 14.43 0.06
N LEU A 150 -6.52 14.35 1.16
CA LEU A 150 -5.61 15.40 1.60
C LEU A 150 -4.18 14.90 1.48
N THR A 151 -3.38 15.60 0.69
CA THR A 151 -1.97 15.26 0.49
C THR A 151 -1.13 16.51 0.70
N HIS A 152 0.18 16.36 0.54
CA HIS A 152 1.11 17.46 0.77
C HIS A 152 1.99 17.65 -0.45
N GLN A 153 2.24 18.91 -0.79
CA GLN A 153 3.10 19.28 -1.91
C GLN A 153 4.26 20.11 -1.38
N PHE A 154 5.37 20.06 -2.08
CA PHE A 154 6.63 20.61 -1.60
C PHE A 154 7.18 21.64 -2.58
N GLU A 155 7.75 22.71 -2.05
CA GLU A 155 8.32 23.73 -2.93
C GLU A 155 9.57 24.33 -2.30
N TYR A 156 10.66 24.36 -3.07
CA TYR A 156 11.88 24.97 -2.57
C TYR A 156 11.71 26.47 -2.43
N VAL A 157 12.37 27.04 -1.41
CA VAL A 157 12.22 28.46 -1.14
C VAL A 157 13.22 29.32 -1.89
N TYR A 158 14.41 28.81 -2.21
CA TYR A 158 15.45 29.60 -2.83
C TYR A 158 15.20 29.70 -4.33
N THR A 159 15.34 30.91 -4.87
CA THR A 159 15.18 31.16 -6.29
C THR A 159 16.53 31.13 -6.98
N LEU A 160 16.54 30.64 -8.22
CA LEU A 160 17.78 30.54 -8.97
C LEU A 160 18.40 31.92 -9.15
N GLN A 161 19.71 32.01 -8.93
CA GLN A 161 20.43 33.27 -8.99
C GLN A 161 20.59 33.72 -10.44
N VAL A 176 18.03 19.23 -13.94
CA VAL A 176 17.67 19.31 -15.35
C VAL A 176 16.15 19.38 -15.50
N VAL A 177 15.47 19.65 -14.39
CA VAL A 177 14.00 19.76 -14.36
C VAL A 177 13.64 21.09 -13.73
N HIS A 178 12.68 21.79 -14.33
CA HIS A 178 12.28 23.11 -13.87
C HIS A 178 10.76 23.16 -13.78
N SER A 179 10.27 24.01 -12.87
CA SER A 179 8.84 24.13 -12.64
C SER A 179 8.50 25.55 -12.23
N ASN A 180 7.30 26.00 -12.58
CA ASN A 180 6.79 27.32 -12.19
C ASN A 180 5.31 27.15 -11.84
N GLY A 181 5.05 26.89 -10.56
CA GLY A 181 3.67 26.70 -10.13
C GLY A 181 3.05 25.49 -10.82
N ARG A 182 1.87 25.71 -11.43
CA ARG A 182 1.23 24.66 -12.21
C ARG A 182 1.88 24.49 -13.57
N GLN A 183 2.62 25.48 -14.06
CA GLN A 183 3.31 25.36 -15.34
C GLN A 183 4.48 24.39 -15.19
N HIS A 184 4.43 23.28 -15.91
CA HIS A 184 5.42 22.21 -15.80
C HIS A 184 6.35 22.28 -17.01
N TYR A 185 7.40 23.07 -16.89
CA TYR A 185 8.45 23.12 -17.92
C TYR A 185 9.56 22.12 -17.62
N THR A 186 9.16 20.86 -17.41
CA THR A 186 10.10 19.81 -17.06
C THR A 186 10.92 19.41 -18.28
N TYR A 187 12.20 19.14 -18.06
CA TYR A 187 13.10 18.70 -19.12
C TYR A 187 13.87 17.46 -18.71
N LEU A 247 10.65 31.18 -11.28
CA LEU A 247 11.67 30.37 -11.92
C LEU A 247 12.42 29.50 -10.92
N LYS A 248 11.81 29.31 -9.74
CA LYS A 248 12.38 28.48 -8.71
C LYS A 248 12.39 27.01 -9.13
N PRO A 249 13.31 26.20 -8.60
CA PRO A 249 13.33 24.78 -8.93
C PRO A 249 12.23 24.02 -8.19
N LEU A 250 11.98 22.81 -8.67
CA LEU A 250 10.94 21.97 -8.09
C LEU A 250 11.47 21.24 -6.86
N CYS A 251 10.54 20.77 -6.03
CA CYS A 251 10.88 20.02 -4.83
C CYS A 251 10.18 18.67 -4.90
N THR A 252 10.96 17.61 -5.06
CA THR A 252 10.45 16.25 -5.15
C THR A 252 11.30 15.33 -4.29
N PHE A 253 10.71 14.17 -3.93
CA PHE A 253 11.42 13.22 -3.09
C PHE A 253 12.70 12.72 -3.75
N GLU A 254 12.73 12.69 -5.09
CA GLU A 254 13.94 12.30 -5.79
C GLU A 254 15.04 13.34 -5.64
N THR A 255 14.67 14.62 -5.58
CA THR A 255 15.64 15.71 -5.50
C THR A 255 15.90 16.16 -4.07
N MET A 256 15.33 15.49 -3.07
CA MET A 256 15.60 15.85 -1.69
C MET A 256 17.06 15.58 -1.34
N GLN A 257 17.58 16.38 -0.41
CA GLN A 257 18.86 16.09 0.19
C GLN A 257 18.72 14.90 1.15
N PRO A 258 19.80 14.15 1.39
CA PRO A 258 19.68 12.97 2.25
C PRO A 258 19.17 13.27 3.65
N GLN A 259 19.56 14.41 4.22
CA GLN A 259 19.12 14.76 5.56
C GLN A 259 17.73 15.40 5.58
N ASP A 260 17.23 15.86 4.44
CA ASP A 260 15.91 16.49 4.41
C ASP A 260 14.78 15.48 4.40
N VAL A 261 15.05 14.25 3.94
CA VAL A 261 14.00 13.27 3.76
C VAL A 261 13.37 12.91 5.10
N LEU A 262 14.20 12.70 6.13
CA LEU A 262 13.69 12.30 7.43
C LEU A 262 12.81 13.39 8.04
N ASN A 263 13.29 14.64 7.98
CA ASN A 263 12.50 15.75 8.52
C ASN A 263 11.19 15.93 7.76
N VAL A 264 11.24 15.82 6.43
CA VAL A 264 10.03 15.96 5.63
C VAL A 264 9.03 14.87 5.97
N SER A 265 9.50 13.62 6.06
CA SER A 265 8.60 12.52 6.39
C SER A 265 8.01 12.68 7.78
N LYS A 266 8.80 13.16 8.74
CA LYS A 266 8.28 13.40 10.08
C LYS A 266 7.22 14.50 10.08
N CYS A 267 7.43 15.56 9.30
CA CYS A 267 6.48 16.67 9.28
C CYS A 267 5.19 16.30 8.57
N ILE A 268 5.28 15.50 7.50
CA ILE A 268 4.09 15.13 6.75
C ILE A 268 3.15 14.29 7.60
N LYS A 269 3.69 13.53 8.55
CA LYS A 269 2.89 12.68 9.41
C LYS A 269 1.80 13.47 10.12
N LEU A 270 0.57 12.96 10.05
CA LEU A 270 -0.57 13.55 10.73
C LEU A 270 -1.35 12.45 11.45
N SER A 271 -2.03 12.82 12.52
CA SER A 271 -2.83 11.87 13.28
C SER A 271 -4.17 11.65 12.58
N ALA A 272 -4.99 10.79 13.17
CA ALA A 272 -6.33 10.56 12.62
C ALA A 272 -7.23 11.77 12.79
N SER A 273 -7.27 12.34 13.99
CA SER A 273 -8.10 13.51 14.26
C SER A 273 -7.66 14.73 13.45
N LYS A 274 -6.35 15.00 13.40
CA LYS A 274 -5.87 16.14 12.64
C LYS A 274 -6.24 16.02 11.16
N ARG A 275 -5.98 14.87 10.57
CA ARG A 275 -6.29 14.66 9.16
C ARG A 275 -7.78 14.77 8.89
N MET A 276 -8.59 14.05 9.67
CA MET A 276 -10.02 13.99 9.41
C MET A 276 -10.78 15.22 9.88
N LYS A 277 -10.13 16.15 10.57
CA LYS A 277 -10.71 17.45 10.81
C LYS A 277 -10.26 18.49 9.79
N CYS A 278 -8.99 18.45 9.38
CA CYS A 278 -8.51 19.36 8.35
C CYS A 278 -9.18 19.10 7.02
N THR A 279 -9.51 17.84 6.71
CA THR A 279 -10.24 17.56 5.48
C THR A 279 -11.67 18.10 5.56
N TYR A 280 -12.36 17.80 6.66
CA TYR A 280 -13.77 18.14 6.77
C TYR A 280 -13.97 19.65 6.81
N ARG A 281 -13.08 20.39 7.49
CA ARG A 281 -13.23 21.84 7.54
C ARG A 281 -13.21 22.46 6.15
N TRP A 282 -12.18 22.10 5.35
CA TRP A 282 -12.08 22.65 4.01
C TRP A 282 -13.23 22.18 3.12
N ILE A 283 -13.60 20.90 3.21
CA ILE A 283 -14.68 20.41 2.35
C ILE A 283 -16.00 21.09 2.66
N GLN A 284 -16.31 21.25 3.96
CA GLN A 284 -17.56 21.90 4.32
C GLN A 284 -17.50 23.41 4.15
N GLN A 285 -16.30 23.98 3.99
CA GLN A 285 -16.20 25.35 3.49
C GLN A 285 -16.48 25.40 1.98
N LEU A 286 -16.10 24.35 1.25
CA LEU A 286 -16.32 24.31 -0.19
C LEU A 286 -17.82 24.28 -0.52
N ARG A 287 -18.59 23.48 0.21
CA ARG A 287 -20.01 23.33 -0.09
C ARG A 287 -20.85 24.52 0.33
N ALA A 288 -20.30 25.43 1.14
CA ALA A 288 -21.01 26.65 1.48
C ALA A 288 -21.04 27.64 0.33
N GLN A 289 -20.03 27.58 -0.54
CA GLN A 289 -19.95 28.45 -1.71
C GLN A 289 -20.34 27.73 -3.00
N TYR A 290 -20.96 26.57 -2.90
CA TYR A 290 -21.38 25.79 -4.05
C TYR A 290 -22.90 25.90 -4.22
N ARG A 291 -23.35 25.85 -5.48
CA ARG A 291 -24.74 26.08 -5.80
C ARG A 291 -25.37 25.03 -6.70
N HIS A 292 -24.58 24.30 -7.49
CA HIS A 292 -25.17 23.36 -8.45
C HIS A 292 -25.71 22.11 -7.77
N LEU A 293 -25.15 21.72 -6.63
CA LEU A 293 -25.59 20.53 -5.91
C LEU A 293 -25.78 20.86 -4.43
N THR A 294 -26.71 20.16 -3.80
CA THR A 294 -27.03 20.36 -2.39
C THR A 294 -26.79 19.05 -1.61
N PHE A 295 -26.37 19.20 -0.37
CA PHE A 295 -26.01 18.06 0.47
C PHE A 295 -26.66 18.22 1.85
N ALA A 296 -26.61 17.12 2.61
CA ALA A 296 -27.15 17.11 3.96
C ALA A 296 -26.26 17.93 4.90
N PRO A 297 -26.79 18.34 6.05
CA PRO A 297 -25.93 19.02 7.03
C PRO A 297 -24.76 18.18 7.50
N ASN A 298 -24.96 16.86 7.60
CA ASN A 298 -23.91 15.92 8.00
C ASN A 298 -23.83 14.83 6.94
N PRO A 299 -23.13 15.11 5.83
CA PRO A 299 -23.09 14.16 4.72
C PRO A 299 -21.97 13.13 4.78
N PHE A 300 -21.12 13.17 5.81
CA PHE A 300 -19.94 12.31 5.86
C PHE A 300 -20.18 10.99 6.58
N THR A 301 -21.32 10.82 7.24
CA THR A 301 -21.64 9.54 7.85
C THR A 301 -21.86 8.49 6.76
N ILE A 302 -21.46 7.25 7.06
CA ILE A 302 -21.63 6.17 6.09
C ILE A 302 -23.10 5.87 5.84
N ALA A 303 -23.97 6.18 6.80
CA ALA A 303 -25.40 6.01 6.58
C ALA A 303 -25.94 6.99 5.54
N GLN A 304 -25.26 8.11 5.34
CA GLN A 304 -25.62 9.07 4.31
C GLN A 304 -24.91 8.80 2.99
N ASN A 305 -24.13 7.72 2.90
CA ASN A 305 -23.37 7.39 1.71
C ASN A 305 -23.77 6.05 1.11
N GLY A 306 -24.69 5.32 1.75
CA GLY A 306 -25.08 4.02 1.25
C GLY A 306 -24.18 2.88 1.65
N TYR A 307 -23.21 3.11 2.52
CA TYR A 307 -22.31 2.06 2.99
C TYR A 307 -22.90 1.33 4.17
N LYS A 308 -22.46 0.08 4.35
CA LYS A 308 -22.87 -0.75 5.46
C LYS A 308 -21.64 -1.16 6.26
N LEU A 309 -21.77 -1.12 7.59
CA LEU A 309 -20.65 -1.36 8.50
C LEU A 309 -20.55 -2.85 8.85
N ASP A 310 -19.32 -3.33 8.97
CA ASP A 310 -19.08 -4.72 9.34
C ASP A 310 -17.80 -4.80 10.17
N GLN A 311 -17.83 -5.63 11.21
CA GLN A 311 -16.67 -5.87 12.07
C GLN A 311 -16.24 -7.33 11.93
N LEU A 312 -14.96 -7.54 11.65
CA LEU A 312 -14.43 -8.87 11.39
C LEU A 312 -13.56 -9.34 12.55
N SER A 313 -13.79 -10.58 12.98
CA SER A 313 -13.01 -11.15 14.07
C SER A 313 -11.60 -11.54 13.58
N THR A 314 -10.67 -11.60 14.53
CA THR A 314 -9.29 -11.93 14.22
C THR A 314 -9.12 -13.44 14.09
N PRO A 315 -8.60 -13.93 12.98
CA PRO A 315 -8.42 -15.38 12.82
C PRO A 315 -7.34 -15.93 13.73
N LYS A 316 -7.47 -17.22 14.04
CA LYS A 316 -6.43 -17.93 14.78
C LYS A 316 -5.31 -18.37 13.83
N VAL A 317 -4.15 -18.64 14.42
CA VAL A 317 -2.99 -19.11 13.67
C VAL A 317 -2.60 -20.48 14.20
N HIS A 318 -1.72 -21.15 13.46
CA HIS A 318 -1.33 -22.52 13.77
C HIS A 318 0.20 -22.61 13.80
N PHE A 319 0.74 -22.95 14.96
CA PHE A 319 2.17 -23.20 15.12
C PHE A 319 2.44 -24.67 15.37
N HIS A 320 1.89 -25.21 16.45
CA HIS A 320 1.66 -26.64 16.60
C HIS A 320 0.30 -26.90 17.23
N ARG A 321 -0.41 -25.85 17.62
CA ARG A 321 -1.80 -25.90 18.06
C ARG A 321 -2.44 -24.56 17.69
N ASP A 322 -3.60 -24.28 18.28
CA ASP A 322 -4.34 -23.06 17.97
C ASP A 322 -3.86 -21.95 18.90
N TYR A 323 -3.24 -20.92 18.32
CA TYR A 323 -2.80 -19.75 19.05
C TYR A 323 -3.62 -18.54 18.61
N ALA A 324 -4.06 -17.74 19.59
CA ALA A 324 -4.93 -16.61 19.27
C ALA A 324 -4.16 -15.49 18.56
N THR A 325 -2.87 -15.35 18.84
CA THR A 325 -2.09 -14.23 18.32
C THR A 325 -0.74 -14.76 17.82
N VAL A 326 -0.20 -14.09 16.80
CA VAL A 326 1.11 -14.44 16.28
C VAL A 326 2.18 -14.25 17.34
N VAL A 327 2.08 -13.16 18.12
CA VAL A 327 3.08 -12.85 19.12
C VAL A 327 3.14 -13.95 20.17
N SER A 328 1.99 -14.42 20.64
CA SER A 328 1.96 -15.50 21.62
C SER A 328 2.60 -16.76 21.08
N GLY A 329 2.31 -17.11 19.82
CA GLY A 329 2.91 -18.29 19.24
C GLY A 329 4.41 -18.17 19.08
N MET A 330 4.88 -16.99 18.67
CA MET A 330 6.32 -16.78 18.53
C MET A 330 7.02 -16.82 19.89
N LYS A 331 6.34 -16.41 20.95
CA LYS A 331 6.97 -16.40 22.27
C LYS A 331 6.98 -17.78 22.91
N THR A 332 5.87 -18.51 22.83
CA THR A 332 5.74 -19.79 23.55
C THR A 332 5.16 -20.87 22.64
N GLY A 333 5.69 -20.99 21.43
CA GLY A 333 5.23 -22.02 20.52
C GLY A 333 6.35 -22.56 19.65
N LYS A 334 6.06 -23.70 19.01
CA LYS A 334 6.97 -24.34 18.08
C LYS A 334 6.53 -24.05 16.67
N LEU A 335 7.49 -23.81 15.78
CA LEU A 335 7.17 -23.44 14.40
C LEU A 335 6.41 -24.55 13.70
N TYR A 336 5.67 -24.17 12.66
CA TYR A 336 4.91 -25.15 11.88
C TYR A 336 5.85 -26.13 11.19
N LYS A 337 6.95 -25.64 10.63
CA LYS A 337 7.96 -26.49 10.01
C LYS A 337 9.33 -26.07 10.52
N GLY A 338 10.11 -27.05 10.96
CA GLY A 338 11.46 -26.78 11.43
C GLY A 338 12.49 -26.94 10.33
N GLY A 339 13.62 -27.54 10.65
CA GLY A 339 14.64 -27.85 9.66
C GLY A 339 16.01 -27.48 10.16
N ASN A 340 16.98 -27.53 9.26
CA ASN A 340 18.36 -27.17 9.54
C ASN A 340 18.83 -26.13 8.52
N ILE A 341 19.65 -25.20 8.99
CA ILE A 341 20.13 -24.09 8.16
C ILE A 341 21.63 -23.96 8.33
N LYS A 342 22.33 -23.80 7.20
CA LYS A 342 23.74 -23.46 7.20
C LYS A 342 23.88 -22.00 6.78
N ILE A 343 24.53 -21.19 7.62
CA ILE A 343 24.56 -19.74 7.45
C ILE A 343 25.99 -19.30 7.20
N SER A 344 26.19 -18.48 6.17
CA SER A 344 27.48 -17.84 5.91
C SER A 344 27.37 -16.41 6.43
N VAL A 345 27.74 -16.21 7.70
CA VAL A 345 27.59 -14.91 8.34
C VAL A 345 28.52 -13.90 7.66
N LEU A 346 27.98 -12.73 7.34
CA LEU A 346 28.73 -11.67 6.66
C LEU A 346 29.01 -10.58 7.69
N PHE A 347 30.27 -10.41 8.05
CA PHE A 347 30.68 -9.48 9.10
C PHE A 347 31.56 -8.39 8.49
N ASP A 348 31.26 -7.14 8.84
CA ASP A 348 32.04 -6.01 8.36
C ASP A 348 33.12 -5.64 9.38
N GLU A 349 34.32 -5.37 8.86
CA GLU A 349 35.45 -5.06 9.73
C GLU A 349 35.30 -3.70 10.43
N ASP A 350 34.46 -2.81 9.90
CA ASP A 350 34.29 -1.50 10.49
C ASP A 350 33.74 -1.56 11.91
N PHE A 351 33.15 -2.68 12.31
CA PHE A 351 32.70 -2.84 13.69
C PHE A 351 33.86 -2.79 14.67
N TYR A 352 35.06 -3.13 14.21
CA TYR A 352 36.24 -3.17 15.09
C TYR A 352 37.14 -1.95 14.94
N LEU A 353 37.40 -1.52 13.70
CA LEU A 353 38.37 -0.46 13.46
C LEU A 353 37.91 0.87 14.06
N LYS A 354 36.63 1.20 13.91
CA LYS A 354 36.12 2.50 14.31
C LYS A 354 35.23 2.46 15.54
N HIS A 355 34.22 1.59 15.56
CA HIS A 355 33.22 1.62 16.62
C HIS A 355 33.67 0.93 17.90
N HIS A 356 34.77 0.17 17.87
CA HIS A 356 35.35 -0.46 19.05
C HIS A 356 34.35 -1.38 19.75
N ILE A 357 33.95 -2.42 19.03
CA ILE A 357 33.05 -3.45 19.53
C ILE A 357 33.87 -4.72 19.76
N THR A 358 33.74 -5.32 20.94
CA THR A 358 34.52 -6.48 21.29
C THR A 358 34.10 -7.69 20.46
N LYS A 359 35.06 -8.60 20.24
CA LYS A 359 34.79 -9.78 19.41
C LYS A 359 33.81 -10.72 20.10
N LYS A 360 33.91 -10.88 21.41
CA LYS A 360 33.04 -11.81 22.13
C LYS A 360 31.58 -11.41 22.04
N ASP A 361 31.29 -10.14 21.76
CA ASP A 361 29.90 -9.68 21.67
C ASP A 361 29.17 -10.36 20.51
N ILE A 362 29.84 -10.51 19.37
CA ILE A 362 29.22 -11.17 18.23
C ILE A 362 28.89 -12.61 18.58
N TYR A 363 29.83 -13.29 19.26
CA TYR A 363 29.58 -14.66 19.68
C TYR A 363 28.40 -14.75 20.65
N GLN A 364 28.31 -13.79 21.58
CA GLN A 364 27.19 -13.79 22.52
C GLN A 364 25.86 -13.60 21.80
N PHE A 365 25.81 -12.66 20.84
CA PHE A 365 24.59 -12.43 20.09
C PHE A 365 24.20 -13.66 19.28
N ILE A 366 25.18 -14.30 18.63
CA ILE A 366 24.89 -15.49 17.84
C ILE A 366 24.41 -16.63 18.73
N ALA A 367 25.00 -16.77 19.92
CA ALA A 367 24.55 -17.80 20.86
C ALA A 367 23.11 -17.54 21.30
N VAL A 368 22.77 -16.27 21.55
CA VAL A 368 21.40 -15.93 21.91
C VAL A 368 20.43 -16.31 20.79
N LEU A 369 20.79 -15.95 19.56
CA LEU A 369 19.93 -16.27 18.42
C LEU A 369 19.75 -17.78 18.27
N GLN A 370 20.85 -18.53 18.39
CA GLN A 370 20.79 -19.97 18.25
C GLN A 370 19.93 -20.60 19.34
N LYS A 371 20.07 -20.11 20.58
CA LYS A 371 19.26 -20.63 21.67
C LYS A 371 17.78 -20.39 21.42
N ILE A 372 17.43 -19.17 20.97
CA ILE A 372 16.02 -18.89 20.68
C ILE A 372 15.50 -19.80 19.58
N ALA A 373 16.30 -19.97 18.52
CA ALA A 373 15.85 -20.81 17.41
C ALA A 373 15.67 -22.26 17.84
N ILE A 374 16.60 -22.79 18.64
CA ILE A 374 16.47 -24.16 19.13
C ILE A 374 15.24 -24.28 20.01
N ALA A 375 14.95 -23.24 20.80
CA ALA A 375 13.71 -23.24 21.58
C ALA A 375 12.48 -23.24 20.69
N GLN A 376 12.57 -22.64 19.50
CA GLN A 376 11.45 -22.63 18.56
C GLN A 376 11.36 -23.90 17.72
N GLY A 377 12.33 -24.81 17.83
CA GLY A 377 12.33 -26.02 17.04
C GLY A 377 13.12 -25.97 15.75
N VAL A 378 13.95 -24.94 15.58
CA VAL A 378 14.76 -24.77 14.38
C VAL A 378 16.23 -24.83 14.79
N ASN A 379 17.01 -25.65 14.09
CA ASN A 379 18.41 -25.89 14.43
C ASN A 379 19.29 -25.03 13.55
N MET A 380 19.67 -23.85 14.05
CA MET A 380 20.63 -23.01 13.36
C MET A 380 22.04 -23.56 13.54
N THR A 381 22.71 -23.85 12.43
CA THR A 381 24.08 -24.36 12.45
C THR A 381 25.00 -23.33 11.85
N ILE A 382 26.03 -22.95 12.59
CA ILE A 382 26.98 -21.93 12.16
C ILE A 382 28.03 -22.57 11.26
N SER A 383 28.64 -21.77 10.41
CA SER A 383 29.67 -22.25 9.50
C SER A 383 31.04 -22.29 10.18
N PHE A 398 34.96 -16.97 10.37
CA PHE A 398 33.78 -16.36 9.77
C PHE A 398 34.05 -15.95 8.32
N HIS A 399 33.36 -14.91 7.86
CA HIS A 399 33.51 -14.44 6.49
C HIS A 399 33.81 -12.95 6.46
N HIS A 400 34.79 -12.51 7.25
CA HIS A 400 35.23 -11.12 7.23
C HIS A 400 35.56 -10.69 5.81
N PHE A 401 34.81 -9.71 5.30
CA PHE A 401 34.80 -9.40 3.89
C PHE A 401 35.04 -7.91 3.66
N THR A 402 35.59 -7.61 2.49
CA THR A 402 35.68 -6.24 1.97
C THR A 402 35.36 -6.31 0.48
N GLU A 403 35.66 -5.24 -0.24
CA GLU A 403 35.24 -5.15 -1.64
C GLU A 403 36.11 -5.96 -2.60
N GLU A 404 37.13 -6.70 -2.20
CA GLU A 404 37.95 -7.40 -3.17
C GLU A 404 37.33 -8.74 -3.57
N VAL A 405 37.62 -9.16 -4.80
CA VAL A 405 37.21 -10.45 -5.34
C VAL A 405 35.72 -10.69 -5.14
N GLU A 406 34.91 -9.66 -5.40
CA GLU A 406 33.45 -9.82 -5.29
C GLU A 406 32.95 -10.86 -6.29
N ALA A 407 33.09 -10.57 -7.58
CA ALA A 407 32.70 -11.48 -8.66
C ALA A 407 31.25 -11.98 -8.48
N LEU A 408 30.33 -11.01 -8.53
CA LEU A 408 28.90 -11.24 -8.34
C LEU A 408 28.71 -11.81 -6.94
N GLN A 409 28.27 -13.06 -6.77
CA GLN A 409 28.15 -13.64 -5.43
C GLN A 409 29.53 -13.74 -4.79
N PRO A 410 29.80 -12.95 -3.75
CA PRO A 410 31.16 -12.93 -3.19
C PRO A 410 31.59 -14.23 -2.55
N ILE A 411 30.88 -14.68 -1.51
CA ILE A 411 31.26 -15.91 -0.83
C ILE A 411 30.03 -16.76 -0.49
N PHE A 412 28.84 -16.30 -0.85
CA PHE A 412 27.62 -16.89 -0.32
C PHE A 412 26.91 -17.84 -1.27
N ALA A 413 26.86 -17.54 -2.57
CA ALA A 413 26.26 -18.43 -3.56
C ALA A 413 24.81 -18.78 -3.21
N GLN A 414 24.01 -17.74 -3.01
CA GLN A 414 22.57 -17.85 -2.74
C GLN A 414 22.26 -18.60 -1.45
N THR A 415 23.21 -18.66 -0.52
CA THR A 415 22.95 -19.28 0.77
C THR A 415 22.40 -18.25 1.76
N THR A 416 21.89 -18.74 2.88
CA THR A 416 21.37 -17.86 3.93
C THR A 416 22.52 -17.07 4.55
N VAL A 417 22.37 -15.76 4.63
CA VAL A 417 23.43 -14.86 5.07
C VAL A 417 22.92 -14.05 6.25
N LEU A 418 23.68 -14.05 7.34
CA LEU A 418 23.46 -13.14 8.45
C LEU A 418 24.34 -11.92 8.25
N ALA A 419 23.74 -10.74 8.22
CA ALA A 419 24.41 -9.53 7.77
C ALA A 419 24.85 -8.68 8.96
N PHE A 420 26.13 -8.33 8.98
CA PHE A 420 26.70 -7.40 9.94
C PHE A 420 27.34 -6.27 9.14
N ILE A 421 26.75 -5.07 9.20
CA ILE A 421 27.28 -3.92 8.48
C ILE A 421 26.88 -2.65 9.21
N THR A 422 27.74 -1.64 9.13
CA THR A 422 27.50 -0.38 9.82
C THR A 422 26.34 0.37 9.19
N SER A 423 25.60 1.10 10.03
CA SER A 423 24.48 1.90 9.55
C SER A 423 24.95 3.05 8.67
N THR A 424 26.14 3.59 8.92
CA THR A 424 26.65 4.68 8.09
C THR A 424 26.91 4.21 6.67
N HIS A 425 27.38 2.98 6.49
CA HIS A 425 27.53 2.42 5.15
C HIS A 425 26.19 2.00 4.56
N LEU A 426 25.26 1.55 5.41
CA LEU A 426 23.93 1.17 4.93
C LEU A 426 23.20 2.36 4.35
N SER A 427 23.30 3.53 5.00
CA SER A 427 22.62 4.72 4.51
C SER A 427 23.18 5.16 3.17
N ASN A 428 24.50 5.03 2.97
CA ASN A 428 25.13 5.42 1.72
C ASN A 428 24.70 4.46 0.62
N LYS A 429 23.83 4.94 -0.28
CA LYS A 429 23.34 4.10 -1.37
C LYS A 429 24.40 3.87 -2.44
N LYS A 430 25.45 4.69 -2.49
CA LYS A 430 26.49 4.52 -3.49
C LYS A 430 27.42 3.35 -3.18
N THR A 431 27.40 2.85 -1.94
CA THR A 431 28.25 1.74 -1.57
C THR A 431 27.79 0.46 -2.28
N ARG A 432 28.75 -0.32 -2.78
CA ARG A 432 28.42 -1.54 -3.50
C ARG A 432 27.84 -2.60 -2.57
N SER A 433 28.21 -2.57 -1.28
CA SER A 433 27.67 -3.55 -0.34
C SER A 433 26.16 -3.41 -0.19
N TYR A 434 25.67 -2.17 -0.13
CA TYR A 434 24.23 -1.96 -0.03
C TYR A 434 23.51 -2.44 -1.29
N GLN A 435 24.10 -2.19 -2.47
CA GLN A 435 23.50 -2.66 -3.71
C GLN A 435 23.44 -4.18 -3.74
N LEU A 436 24.53 -4.84 -3.31
CA LEU A 436 24.55 -6.30 -3.28
C LEU A 436 23.52 -6.84 -2.30
N LEU A 437 23.37 -6.20 -1.13
CA LEU A 437 22.37 -6.63 -0.17
C LEU A 437 20.96 -6.48 -0.74
N LYS A 438 20.70 -5.37 -1.43
CA LYS A 438 19.39 -5.18 -2.05
C LYS A 438 19.13 -6.23 -3.12
N GLN A 439 20.15 -6.55 -3.92
CA GLN A 439 19.99 -7.58 -4.95
C GLN A 439 19.70 -8.93 -4.33
N TYR A 440 20.40 -9.26 -3.24
CA TYR A 440 20.15 -10.54 -2.56
C TYR A 440 18.77 -10.58 -1.94
N PHE A 441 18.31 -9.46 -1.37
CA PHE A 441 17.02 -9.45 -0.70
C PHE A 441 15.88 -9.30 -1.69
N GLY A 442 15.85 -8.19 -2.43
CA GLY A 442 14.82 -7.92 -3.41
C GLY A 442 14.02 -6.69 -3.06
N GLY A 443 13.10 -6.35 -3.97
CA GLY A 443 12.29 -5.16 -3.79
C GLY A 443 11.33 -5.26 -2.62
N LYS A 444 10.73 -6.43 -2.43
CA LYS A 444 9.74 -6.59 -1.36
C LYS A 444 10.37 -6.41 0.02
N TRP A 445 11.54 -7.01 0.24
CA TRP A 445 12.18 -6.93 1.54
C TRP A 445 12.68 -5.51 1.82
N ASP A 446 12.53 -5.08 3.07
CA ASP A 446 13.16 -3.84 3.53
C ASP A 446 14.54 -4.16 4.08
N ILE A 447 15.54 -3.39 3.64
CA ILE A 447 16.93 -3.76 3.89
C ILE A 447 17.27 -3.62 5.38
N ALA A 448 16.73 -2.61 6.05
CA ALA A 448 17.14 -2.26 7.40
C ALA A 448 16.42 -3.06 8.48
N SER A 449 15.55 -3.99 8.10
CA SER A 449 14.78 -4.74 9.09
C SER A 449 15.42 -6.08 9.45
N GLN A 450 16.22 -6.66 8.56
CA GLN A 450 16.83 -7.96 8.79
C GLN A 450 18.36 -7.90 8.84
N VAL A 451 18.93 -6.70 8.95
CA VAL A 451 20.38 -6.51 8.98
C VAL A 451 20.77 -6.03 10.37
N ILE A 452 21.78 -6.66 10.95
CA ILE A 452 22.29 -6.27 12.26
C ILE A 452 23.29 -5.15 12.08
N THR A 453 23.04 -4.02 12.73
CA THR A 453 23.92 -2.86 12.69
C THR A 453 24.50 -2.58 14.06
N GLU A 454 25.36 -1.57 14.14
CA GLU A 454 25.98 -1.21 15.41
C GLU A 454 24.97 -0.70 16.43
N LYS A 455 23.84 -0.14 15.97
CA LYS A 455 22.81 0.31 16.90
C LYS A 455 22.17 -0.87 17.62
N THR A 456 21.93 -1.97 16.90
CA THR A 456 21.40 -3.17 17.54
C THR A 456 22.36 -3.71 18.59
N ILE A 457 23.66 -3.72 18.27
CA ILE A 457 24.67 -4.18 19.22
C ILE A 457 24.70 -3.26 20.44
N GLU A 458 24.61 -1.95 20.21
CA GLU A 458 24.60 -1.01 21.33
C GLU A 458 23.39 -1.21 22.22
N ALA A 459 22.21 -1.46 21.64
CA ALA A 459 21.03 -1.72 22.44
C ALA A 459 21.18 -3.02 23.22
N PHE A 460 21.77 -4.03 22.60
CA PHE A 460 22.03 -5.29 23.31
C PHE A 460 22.95 -5.06 24.51
N GLN A 461 24.00 -4.26 24.33
CA GLN A 461 24.88 -3.91 25.43
C GLN A 461 24.16 -3.13 26.53
N LYS A 462 23.29 -2.19 26.14
CA LYS A 462 22.54 -1.43 27.14
C LYS A 462 21.67 -2.36 27.98
N ILE A 463 20.98 -3.30 27.33
CA ILE A 463 20.14 -4.24 28.07
C ILE A 463 21.00 -5.13 28.96
N LEU A 464 22.13 -5.61 28.45
CA LEU A 464 22.99 -6.49 29.24
C LEU A 464 23.54 -5.77 30.47
N HIS A 465 23.94 -4.51 30.31
CA HIS A 465 24.49 -3.76 31.43
C HIS A 465 23.41 -3.42 32.45
N LYS A 466 22.22 -3.03 31.98
CA LYS A 466 21.18 -2.54 32.88
C LYS A 466 20.54 -3.64 33.71
N HIS A 467 20.73 -4.91 33.34
CA HIS A 467 20.13 -6.02 34.06
C HIS A 467 21.15 -6.87 34.83
N GLY A 468 22.40 -6.44 34.86
CA GLY A 468 23.42 -7.19 35.59
C GLY A 468 23.74 -8.55 35.01
N LEU A 469 23.73 -8.68 33.69
CA LEU A 469 24.10 -9.92 33.01
C LEU A 469 25.10 -9.66 31.89
N LYS A 470 25.96 -8.66 32.07
CA LYS A 470 26.90 -8.28 31.03
C LYS A 470 28.04 -9.27 30.87
N ASN A 471 28.28 -10.13 31.85
CA ASN A 471 29.38 -11.08 31.81
C ASN A 471 28.81 -12.49 31.97
N PHE A 472 28.69 -13.21 30.85
CA PHE A 472 28.22 -14.59 30.87
C PHE A 472 28.85 -15.34 29.72
N TYR A 473 29.14 -16.62 29.97
CA TYR A 473 29.78 -17.45 28.95
C TYR A 473 28.76 -17.81 27.87
N PRO A 474 29.10 -17.64 26.59
CA PRO A 474 28.18 -18.07 25.53
C PRO A 474 27.89 -19.56 25.56
N ASN A 475 28.84 -20.38 26.01
CA ASN A 475 28.65 -21.82 26.06
C ASN A 475 27.85 -22.27 27.27
N ASP A 476 27.58 -21.38 28.22
CA ASP A 476 26.81 -21.74 29.41
C ASP A 476 25.33 -21.77 29.08
N GLU A 477 24.68 -22.89 29.38
CA GLU A 477 23.26 -23.04 29.05
C GLU A 477 22.39 -22.19 29.96
N GLN A 478 22.67 -22.21 31.26
CA GLN A 478 21.83 -21.45 32.21
C GLN A 478 21.94 -19.95 31.98
N HIS A 479 23.16 -19.46 31.71
CA HIS A 479 23.32 -18.04 31.44
C HIS A 479 22.57 -17.61 30.20
N CYS A 480 22.67 -18.41 29.12
CA CYS A 480 21.93 -18.08 27.90
C CYS A 480 20.43 -18.11 28.14
N LEU A 481 19.95 -19.09 28.90
CA LEU A 481 18.51 -19.17 29.20
C LEU A 481 18.06 -17.95 29.98
N ARG A 482 18.86 -17.51 30.96
CA ARG A 482 18.52 -16.31 31.72
C ARG A 482 18.50 -15.08 30.82
N VAL A 483 19.46 -14.98 29.89
CA VAL A 483 19.47 -13.85 28.96
C VAL A 483 18.22 -13.87 28.08
N ILE A 484 17.82 -15.05 27.61
CA ILE A 484 16.61 -15.15 26.80
C ILE A 484 15.40 -14.71 27.60
N ASP A 485 15.30 -15.16 28.84
CA ASP A 485 14.16 -14.77 29.68
C ASP A 485 14.14 -13.28 29.95
N VAL A 486 15.32 -12.66 30.07
CA VAL A 486 15.39 -11.21 30.24
C VAL A 486 14.92 -10.50 28.97
N LEU A 487 15.39 -10.97 27.82
CA LEU A 487 15.06 -10.32 26.55
C LEU A 487 13.62 -10.55 26.12
N LYS A 488 12.95 -11.55 26.70
CA LYS A 488 11.60 -11.88 26.25
C LYS A 488 10.61 -10.78 26.57
N ASN A 489 10.83 -10.01 27.64
CA ASN A 489 9.88 -9.01 28.10
C ASN A 489 10.25 -7.59 27.70
N GLU A 490 11.20 -7.41 26.80
CA GLU A 490 11.64 -6.09 26.37
C GLU A 490 11.10 -5.76 24.98
N SER A 491 11.20 -4.48 24.62
CA SER A 491 10.82 -4.04 23.28
C SER A 491 11.87 -4.41 22.24
N PHE A 492 13.10 -4.69 22.67
CA PHE A 492 14.13 -5.19 21.77
C PHE A 492 13.78 -6.57 21.23
N TYR A 493 12.93 -7.31 21.93
CA TYR A 493 12.62 -8.69 21.56
C TYR A 493 12.13 -8.77 20.12
N TYR A 494 11.20 -7.89 19.74
CA TYR A 494 10.69 -7.85 18.39
C TYR A 494 11.81 -7.82 17.37
N THR A 495 12.80 -6.94 17.61
CA THR A 495 13.92 -6.79 16.69
C THR A 495 14.58 -8.14 16.42
N VAL A 496 14.82 -8.92 17.47
CA VAL A 496 15.46 -10.21 17.31
C VAL A 496 14.66 -11.09 16.36
N MET A 497 13.34 -11.13 16.54
CA MET A 497 12.50 -11.92 15.65
C MET A 497 12.55 -11.37 14.23
N ASN A 498 12.62 -10.04 14.08
CA ASN A 498 12.71 -9.47 12.75
C ASN A 498 13.95 -9.96 12.02
N ILE A 499 14.96 -10.43 12.75
CA ILE A 499 16.10 -11.08 12.11
C ILE A 499 15.80 -12.56 11.88
N LEU A 500 15.27 -13.24 12.91
CA LEU A 500 15.07 -14.68 12.81
C LEU A 500 14.08 -15.02 11.70
N LEU A 501 12.90 -14.39 11.72
CA LEU A 501 11.95 -14.59 10.62
C LEU A 501 12.60 -14.26 9.30
N GLY A 502 13.50 -13.27 9.28
CA GLY A 502 14.17 -12.91 8.05
C GLY A 502 14.99 -14.05 7.47
N VAL A 503 15.61 -14.86 8.33
CA VAL A 503 16.35 -16.03 7.87
C VAL A 503 15.50 -17.29 7.88
N TYR A 504 14.23 -17.20 8.25
CA TYR A 504 13.34 -18.36 8.18
C TYR A 504 12.64 -18.46 6.84
N VAL A 505 12.16 -17.33 6.30
CA VAL A 505 11.50 -17.35 5.01
C VAL A 505 12.50 -17.70 3.90
N LYS A 506 13.70 -17.12 3.95
CA LYS A 506 14.70 -17.37 2.92
C LYS A 506 15.28 -18.79 2.99
N SER A 507 15.02 -19.52 4.07
CA SER A 507 15.55 -20.87 4.23
C SER A 507 14.48 -21.94 4.06
N GLY A 508 13.38 -21.60 3.39
CA GLY A 508 12.33 -22.59 3.15
C GLY A 508 11.66 -23.09 4.41
N ILE A 509 11.38 -22.20 5.35
CA ILE A 509 10.72 -22.55 6.61
C ILE A 509 9.37 -21.84 6.68
N GLN A 510 8.34 -22.57 7.07
CA GLN A 510 7.00 -22.00 7.23
C GLN A 510 6.73 -21.81 8.72
N PRO A 511 6.77 -20.57 9.22
CA PRO A 511 6.56 -20.37 10.67
C PRO A 511 5.16 -20.75 11.14
N TRP A 512 4.12 -20.22 10.51
CA TRP A 512 2.76 -20.55 10.92
C TRP A 512 1.84 -20.49 9.70
N ILE A 513 0.64 -21.04 9.87
CA ILE A 513 -0.41 -21.02 8.85
C ILE A 513 -1.72 -20.62 9.53
N LEU A 514 -2.80 -20.62 8.77
CA LEU A 514 -4.12 -20.35 9.33
C LEU A 514 -4.69 -21.61 9.97
N ALA A 515 -5.36 -21.42 11.10
CA ALA A 515 -5.92 -22.55 11.84
C ALA A 515 -7.26 -23.03 11.30
N ASN A 516 -7.91 -22.26 10.43
CA ASN A 516 -9.16 -22.64 9.82
C ASN A 516 -9.14 -22.30 8.35
N THR A 517 -9.70 -23.18 7.52
CA THR A 517 -9.70 -22.97 6.08
C THR A 517 -10.64 -21.83 5.70
N THR A 518 -10.31 -21.18 4.58
CA THR A 518 -11.11 -20.07 4.07
C THR A 518 -12.33 -20.61 3.36
N HIS A 519 -13.09 -19.74 2.70
CA HIS A 519 -14.28 -20.14 1.95
C HIS A 519 -13.93 -20.63 0.55
N SER A 520 -12.92 -20.05 -0.08
CA SER A 520 -12.42 -20.52 -1.35
C SER A 520 -11.37 -21.61 -1.13
N ASP A 521 -10.99 -22.28 -2.21
CA ASP A 521 -10.06 -23.40 -2.13
C ASP A 521 -8.67 -23.08 -2.65
N CYS A 522 -8.53 -22.11 -3.54
CA CYS A 522 -7.23 -21.78 -4.12
C CYS A 522 -7.23 -20.32 -4.52
N PHE A 523 -6.09 -19.65 -4.32
CA PHE A 523 -5.96 -18.24 -4.63
C PHE A 523 -4.81 -18.03 -5.60
N ILE A 524 -5.07 -17.33 -6.70
CA ILE A 524 -4.05 -16.95 -7.66
C ILE A 524 -3.91 -15.44 -7.60
N GLY A 525 -2.70 -14.97 -7.30
CA GLY A 525 -2.42 -13.55 -7.15
C GLY A 525 -1.45 -13.08 -8.22
N ILE A 526 -1.75 -11.92 -8.79
CA ILE A 526 -0.93 -11.30 -9.82
C ILE A 526 -0.45 -9.96 -9.27
N ASP A 527 0.83 -9.89 -8.91
CA ASP A 527 1.42 -8.68 -8.33
C ASP A 527 2.38 -8.08 -9.35
N VAL A 528 2.12 -6.84 -9.75
CA VAL A 528 2.94 -6.18 -10.76
C VAL A 528 3.37 -4.80 -10.28
N SER A 529 3.39 -4.61 -8.96
CA SER A 529 3.71 -3.30 -8.41
C SER A 529 4.25 -3.46 -7.00
N HIS A 530 4.85 -2.40 -6.49
CA HIS A 530 5.33 -2.36 -5.11
C HIS A 530 4.16 -2.27 -4.15
N GLU A 531 4.45 -2.18 -2.85
CA GLU A 531 3.39 -2.10 -1.86
C GLU A 531 2.65 -0.76 -1.94
N ASN A 532 3.37 0.33 -2.23
CA ASN A 532 2.72 1.63 -2.34
C ASN A 532 1.88 1.73 -3.61
N GLY A 533 2.28 1.03 -4.67
CA GLY A 533 1.55 1.07 -5.92
C GLY A 533 2.44 1.27 -7.13
N ASN A 534 3.67 1.69 -6.90
CA ASN A 534 4.61 1.90 -7.99
C ASN A 534 4.94 0.58 -8.67
N SER A 535 5.07 0.62 -10.00
CA SER A 535 5.25 -0.60 -10.77
C SER A 535 6.60 -1.25 -10.47
N ALA A 536 6.65 -2.58 -10.64
CA ALA A 536 7.84 -3.37 -10.40
C ALA A 536 7.74 -4.64 -11.21
N ALA A 537 8.63 -5.59 -10.94
CA ALA A 537 8.61 -6.87 -11.64
C ALA A 537 7.37 -7.67 -11.25
N GLY A 538 6.82 -8.42 -12.21
CA GLY A 538 5.60 -9.15 -11.98
C GLY A 538 5.83 -10.52 -11.36
N MET A 539 4.81 -11.01 -10.66
CA MET A 539 4.90 -12.30 -9.99
C MET A 539 3.50 -12.87 -9.85
N MET A 540 3.35 -14.15 -10.16
CA MET A 540 2.10 -14.88 -9.97
C MET A 540 2.30 -15.93 -8.88
N ASN A 541 1.43 -15.89 -7.87
CA ASN A 541 1.52 -16.76 -6.72
C ASN A 541 0.26 -17.63 -6.61
N VAL A 542 0.43 -18.85 -6.13
CA VAL A 542 -0.68 -19.76 -5.86
C VAL A 542 -0.65 -20.12 -4.39
N ILE A 543 -1.79 -19.97 -3.71
CA ILE A 543 -1.90 -20.15 -2.28
C ILE A 543 -3.07 -21.08 -1.98
N GLY A 544 -2.85 -22.03 -1.09
CA GLY A 544 -3.88 -22.97 -0.70
C GLY A 544 -4.90 -22.32 0.22
N SER A 545 -5.77 -23.16 0.77
CA SER A 545 -6.86 -22.68 1.61
C SER A 545 -6.35 -22.02 2.89
N GLN A 546 -5.33 -22.61 3.52
CA GLN A 546 -4.83 -22.13 4.80
C GLN A 546 -3.56 -21.30 4.68
N GLY A 547 -3.17 -20.92 3.46
CA GLY A 547 -2.10 -19.95 3.29
C GLY A 547 -0.73 -20.50 2.98
N HIS A 548 -0.60 -21.78 2.64
CA HIS A 548 0.68 -22.35 2.27
C HIS A 548 0.91 -22.19 0.77
N LEU A 549 2.10 -21.73 0.40
CA LEU A 549 2.40 -21.47 -0.99
C LEU A 549 2.47 -22.77 -1.79
N ILE A 550 2.03 -22.69 -3.05
CA ILE A 550 2.01 -23.84 -3.95
C ILE A 550 2.92 -23.63 -5.16
N GLN A 551 2.85 -22.47 -5.79
CA GLN A 551 3.63 -22.22 -7.00
C GLN A 551 3.88 -20.72 -7.11
N GLN A 552 4.94 -20.36 -7.83
CA GLN A 552 5.34 -18.97 -7.99
C GLN A 552 6.08 -18.82 -9.31
N ALA A 553 5.63 -17.90 -10.15
CA ALA A 553 6.24 -17.70 -11.47
C ALA A 553 6.46 -16.23 -11.78
N PRO A 554 7.59 -15.90 -12.41
CA PRO A 554 7.86 -14.49 -12.75
C PRO A 554 7.00 -14.01 -13.91
N LEU A 555 6.82 -12.69 -13.95
CA LEU A 555 6.04 -12.02 -14.98
C LEU A 555 6.86 -10.85 -15.49
N ASN A 556 7.25 -10.90 -16.75
CA ASN A 556 8.06 -9.84 -17.36
C ASN A 556 7.16 -8.83 -18.07
N GLY A 557 7.77 -7.73 -18.49
CA GLY A 557 6.99 -6.67 -19.11
C GLY A 557 6.03 -6.06 -18.11
N ILE A 558 4.83 -5.73 -18.58
CA ILE A 558 3.77 -5.12 -17.77
C ILE A 558 4.35 -3.89 -17.07
N LEU A 559 5.02 -3.02 -17.82
CA LEU A 559 5.75 -1.92 -17.22
C LEU A 559 4.81 -0.92 -16.55
N ALA A 560 3.69 -0.57 -17.19
CA ALA A 560 2.77 0.42 -16.64
C ALA A 560 1.36 0.15 -17.16
N GLY A 561 0.56 -0.55 -16.34
CA GLY A 561 -0.86 -0.74 -16.63
C GLY A 561 -1.15 -1.37 -17.96
N GLU A 562 -0.43 -2.43 -18.31
CA GLU A 562 -0.58 -3.10 -19.60
C GLU A 562 -1.24 -4.45 -19.43
N LYS A 563 -2.10 -4.80 -20.38
CA LYS A 563 -2.76 -6.09 -20.36
C LYS A 563 -1.76 -7.21 -20.60
N ILE A 564 -1.87 -8.27 -19.80
CA ILE A 564 -1.01 -9.43 -19.97
C ILE A 564 -1.39 -10.16 -21.25
N ASP A 565 -0.38 -10.63 -21.98
CA ASP A 565 -0.60 -11.30 -23.25
C ASP A 565 -1.46 -12.55 -23.06
N ASP A 566 -2.30 -12.83 -24.06
CA ASP A 566 -3.25 -13.94 -23.95
C ASP A 566 -2.51 -15.27 -23.86
N THR A 567 -1.49 -15.48 -24.69
CA THR A 567 -0.76 -16.74 -24.68
C THR A 567 -0.07 -16.96 -23.34
N LEU A 568 0.61 -15.92 -22.84
CA LEU A 568 1.30 -16.04 -21.56
C LEU A 568 0.31 -16.30 -20.42
N LEU A 569 -0.82 -15.58 -20.43
CA LEU A 569 -1.81 -15.78 -19.37
C LEU A 569 -2.39 -17.19 -19.39
N ALA A 570 -2.70 -17.70 -20.58
CA ALA A 570 -3.23 -19.06 -20.68
C ALA A 570 -2.20 -20.08 -20.22
N ASN A 571 -0.95 -19.92 -20.63
CA ASN A 571 0.10 -20.85 -20.22
C ASN A 571 0.27 -20.84 -18.71
N LEU A 572 0.26 -19.64 -18.11
CA LEU A 572 0.43 -19.54 -16.66
C LEU A 572 -0.74 -20.18 -15.92
N LEU A 573 -1.97 -19.91 -16.37
CA LEU A 573 -3.13 -20.48 -15.70
C LEU A 573 -3.12 -22.00 -15.77
N LYS A 574 -2.79 -22.55 -16.95
CA LYS A 574 -2.70 -24.00 -17.07
C LYS A 574 -1.59 -24.56 -16.19
N GLN A 575 -0.45 -23.88 -16.12
CA GLN A 575 0.66 -24.35 -15.29
C GLN A 575 0.28 -24.38 -13.83
N MET A 576 -0.40 -23.34 -13.34
CA MET A 576 -0.75 -23.30 -11.92
C MET A 576 -1.84 -24.32 -11.61
N ILE A 577 -2.79 -24.53 -12.53
CA ILE A 577 -3.80 -25.56 -12.32
C ILE A 577 -3.16 -26.94 -12.25
N LYS A 578 -2.20 -27.22 -13.15
CA LYS A 578 -1.49 -28.49 -13.09
C LYS A 578 -0.65 -28.62 -11.82
N ALA A 579 -0.07 -27.53 -11.34
CA ALA A 579 0.68 -27.60 -10.09
C ALA A 579 -0.22 -27.97 -8.92
N TYR A 580 -1.39 -27.33 -8.83
CA TYR A 580 -2.34 -27.69 -7.78
C TYR A 580 -2.78 -29.14 -7.91
N HIS A 581 -3.04 -29.59 -9.15
CA HIS A 581 -3.46 -30.97 -9.35
C HIS A 581 -2.37 -31.95 -8.93
N THR A 582 -1.12 -31.64 -9.27
CA THR A 582 -0.01 -32.52 -8.90
C THR A 582 0.15 -32.59 -7.39
N GLN A 583 0.05 -31.46 -6.70
CA GLN A 583 0.31 -31.47 -5.26
C GLN A 583 -0.86 -32.07 -4.48
N PHE A 584 -2.09 -31.81 -4.90
CA PHE A 584 -3.27 -32.22 -4.12
C PHE A 584 -3.97 -33.45 -4.68
N GLN A 585 -3.55 -33.97 -5.83
CA GLN A 585 -4.18 -35.14 -6.46
C GLN A 585 -5.65 -34.90 -6.79
N ARG A 586 -6.07 -33.64 -6.88
CA ARG A 586 -7.45 -33.31 -7.19
C ARG A 586 -7.46 -32.10 -8.12
N PHE A 587 -8.63 -31.49 -8.28
CA PHE A 587 -8.80 -30.22 -8.96
C PHE A 587 -9.59 -29.29 -8.06
N PRO A 588 -9.23 -28.01 -8.02
CA PRO A 588 -10.00 -27.07 -7.19
C PRO A 588 -11.42 -26.89 -7.73
N LYS A 589 -12.36 -26.65 -6.82
CA LYS A 589 -13.73 -26.38 -7.20
C LYS A 589 -14.08 -24.90 -7.17
N HIS A 590 -13.21 -24.06 -6.61
CA HIS A 590 -13.40 -22.61 -6.64
C HIS A 590 -12.02 -21.97 -6.58
N ILE A 591 -11.79 -21.02 -7.49
CA ILE A 591 -10.51 -20.30 -7.55
C ILE A 591 -10.79 -18.81 -7.57
N THR A 592 -10.16 -18.08 -6.66
CA THR A 592 -10.25 -16.63 -6.62
C THR A 592 -8.97 -16.03 -7.19
N ILE A 593 -9.13 -15.07 -8.09
CA ILE A 593 -8.01 -14.44 -8.78
C ILE A 593 -7.92 -13.01 -8.25
N HIS A 594 -6.90 -12.75 -7.44
CA HIS A 594 -6.65 -11.42 -6.90
C HIS A 594 -5.73 -10.66 -7.84
N ARG A 595 -6.17 -9.46 -8.24
CA ARG A 595 -5.46 -8.64 -9.20
C ARG A 595 -5.00 -7.35 -8.54
N ASP A 596 -3.71 -7.05 -8.67
CA ASP A 596 -3.13 -5.81 -8.18
C ASP A 596 -3.37 -4.74 -9.26
N GLY A 597 -4.41 -3.93 -9.05
CA GLY A 597 -4.76 -2.93 -10.03
C GLY A 597 -6.11 -3.20 -10.67
N PHE A 598 -6.25 -2.84 -11.94
CA PHE A 598 -7.49 -3.04 -12.67
C PHE A 598 -7.36 -4.22 -13.62
N TRP A 599 -8.43 -5.00 -13.74
CA TRP A 599 -8.43 -6.17 -14.62
C TRP A 599 -8.56 -5.71 -16.06
N ARG A 600 -7.53 -5.99 -16.87
CA ARG A 600 -7.53 -5.64 -18.28
C ARG A 600 -7.37 -6.85 -19.18
N GLU A 601 -7.23 -8.05 -18.63
CA GLU A 601 -6.99 -9.24 -19.41
C GLU A 601 -8.28 -9.73 -20.06
N HIS A 602 -8.14 -10.78 -20.89
CA HIS A 602 -9.26 -11.32 -21.65
C HIS A 602 -10.03 -12.29 -20.78
N THR A 603 -11.23 -11.89 -20.34
CA THR A 603 -12.02 -12.74 -19.45
C THR A 603 -12.52 -13.99 -20.17
N ALA A 604 -12.69 -13.92 -21.49
CA ALA A 604 -13.19 -15.06 -22.24
C ALA A 604 -12.22 -16.24 -22.16
N LEU A 605 -10.91 -15.97 -22.21
CA LEU A 605 -9.92 -17.03 -22.10
C LEU A 605 -9.99 -17.71 -20.73
N VAL A 606 -10.14 -16.93 -19.66
CA VAL A 606 -10.27 -17.49 -18.32
C VAL A 606 -11.53 -18.34 -18.23
N GLU A 607 -12.64 -17.85 -18.79
CA GLU A 607 -13.87 -18.63 -18.80
C GLU A 607 -13.69 -19.95 -19.54
N LYS A 608 -13.01 -19.91 -20.68
CA LYS A 608 -12.80 -21.11 -21.47
C LYS A 608 -11.97 -22.13 -20.69
N ILE A 609 -10.89 -21.68 -20.05
CA ILE A 609 -10.05 -22.60 -19.28
C ILE A 609 -10.81 -23.18 -18.10
N MET A 610 -11.55 -22.34 -17.37
CA MET A 610 -12.29 -22.80 -16.20
C MET A 610 -13.35 -23.82 -16.61
N SER A 611 -14.07 -23.56 -17.71
CA SER A 611 -15.06 -24.53 -18.18
C SER A 611 -14.39 -25.81 -18.68
N HIS A 612 -13.20 -25.69 -19.27
CA HIS A 612 -12.47 -26.88 -19.72
C HIS A 612 -12.10 -27.78 -18.55
N TYR A 613 -11.67 -27.19 -17.44
CA TYR A 613 -11.33 -27.95 -16.25
C TYR A 613 -12.47 -28.06 -15.25
N GLU A 614 -13.62 -27.45 -15.55
CA GLU A 614 -14.81 -27.52 -14.69
C GLU A 614 -14.53 -26.95 -13.30
N ILE A 615 -14.00 -25.73 -13.26
CA ILE A 615 -13.66 -25.04 -12.02
C ILE A 615 -14.41 -23.72 -11.98
N THR A 616 -15.14 -23.48 -10.90
CA THR A 616 -15.74 -22.17 -10.68
C THR A 616 -14.67 -21.17 -10.25
N TYR A 617 -14.92 -19.89 -10.55
CA TYR A 617 -13.90 -18.89 -10.29
C TYR A 617 -14.54 -17.55 -9.97
N ASP A 618 -13.72 -16.67 -9.40
CA ASP A 618 -14.08 -15.29 -9.15
C ASP A 618 -12.87 -14.42 -9.46
N ILE A 619 -13.12 -13.18 -9.85
CA ILE A 619 -12.07 -12.21 -10.10
C ILE A 619 -12.28 -11.03 -9.16
N VAL A 620 -11.24 -10.66 -8.43
CA VAL A 620 -11.30 -9.58 -7.45
C VAL A 620 -10.13 -8.65 -7.69
N GLU A 621 -10.41 -7.35 -7.71
CA GLU A 621 -9.37 -6.32 -7.83
C GLU A 621 -9.12 -5.70 -6.46
N ILE A 622 -7.85 -5.63 -6.08
CA ILE A 622 -7.43 -5.01 -4.83
C ILE A 622 -6.67 -3.73 -5.17
N ILE A 623 -7.16 -2.61 -4.66
CA ILE A 623 -6.52 -1.31 -4.81
C ILE A 623 -5.82 -0.99 -3.49
N LYS A 624 -4.52 -0.73 -3.58
CA LYS A 624 -3.67 -0.45 -2.43
C LYS A 624 -3.61 1.03 -2.08
N LYS A 625 -4.04 1.91 -2.99
CA LYS A 625 -4.09 3.35 -2.75
C LYS A 625 -5.48 3.86 -3.10
N PRO A 626 -6.47 3.56 -2.25
CA PRO A 626 -7.83 4.04 -2.53
C PRO A 626 -7.99 5.54 -2.45
N ASN A 627 -7.03 6.24 -1.85
CA ASN A 627 -7.11 7.69 -1.64
C ASN A 627 -8.35 8.07 -0.84
N ARG A 628 -8.67 7.24 0.16
CA ARG A 628 -9.77 7.48 1.08
C ARG A 628 -9.30 7.19 2.50
N ARG A 629 -10.06 7.67 3.47
CA ARG A 629 -9.79 7.39 4.88
C ARG A 629 -11.09 7.05 5.58
N MET A 630 -11.00 6.16 6.57
CA MET A 630 -12.15 5.74 7.36
C MET A 630 -11.80 5.82 8.84
N ALA A 631 -12.79 6.18 9.64
CA ALA A 631 -12.56 6.32 11.08
C ALA A 631 -13.90 6.29 11.80
N PHE A 632 -13.83 6.26 13.12
CA PHE A 632 -14.97 6.41 14.01
C PHE A 632 -14.79 7.70 14.81
N PHE A 633 -15.90 8.38 15.05
CA PHE A 633 -15.93 9.66 15.75
C PHE A 633 -16.54 9.47 17.12
N ASN A 634 -15.87 9.99 18.14
CA ASN A 634 -16.38 10.03 19.51
C ASN A 634 -16.53 11.48 19.91
N SER A 635 -17.76 11.89 20.24
CA SER A 635 -18.05 13.28 20.58
C SER A 635 -17.77 13.60 22.04
N VAL A 636 -17.80 12.60 22.92
CA VAL A 636 -17.54 12.85 24.34
C VAL A 636 -16.13 13.39 24.53
N ASP A 637 -15.16 12.76 23.86
CA ASP A 637 -13.79 13.25 23.84
C ASP A 637 -13.41 13.86 22.50
N ASN A 638 -14.30 13.80 21.51
CA ASN A 638 -14.17 14.53 20.25
C ASN A 638 -12.87 14.15 19.54
N THR A 639 -12.78 12.86 19.16
CA THR A 639 -11.61 12.35 18.45
C THR A 639 -12.04 11.31 17.42
N PHE A 640 -11.13 11.06 16.47
CA PHE A 640 -11.30 10.07 15.43
C PHE A 640 -10.34 8.92 15.66
N SER A 641 -10.82 7.69 15.49
CA SER A 641 -10.04 6.49 15.76
C SER A 641 -10.26 5.46 14.68
N THR A 642 -9.18 4.81 14.26
CA THR A 642 -9.26 3.72 13.28
C THR A 642 -9.17 2.39 14.01
N ARG A 643 -10.07 1.46 13.66
CA ARG A 643 -10.15 0.16 14.30
C ARG A 643 -9.85 -0.92 13.27
N GLN A 644 -8.96 -1.84 13.62
CA GLN A 644 -8.50 -2.85 12.69
C GLN A 644 -9.61 -3.83 12.34
N GLY A 645 -9.66 -4.23 11.08
CA GLY A 645 -10.64 -5.19 10.61
C GLY A 645 -12.02 -4.63 10.41
N THR A 646 -12.14 -3.41 9.90
CA THR A 646 -13.43 -2.74 9.72
C THR A 646 -13.75 -2.70 8.23
N VAL A 647 -15.01 -3.01 7.88
CA VAL A 647 -15.43 -3.13 6.50
C VAL A 647 -16.58 -2.16 6.24
N TYR A 648 -16.46 -1.37 5.19
CA TYR A 648 -17.57 -0.61 4.61
C TYR A 648 -17.94 -1.27 3.29
N GLN A 649 -19.22 -1.58 3.12
CA GLN A 649 -19.67 -2.33 1.95
C GLN A 649 -20.78 -1.59 1.22
N ARG A 650 -20.61 -1.39 -0.08
CA ARG A 650 -21.65 -0.82 -0.94
C ARG A 650 -21.64 -1.55 -2.26
N GLY A 651 -22.75 -2.23 -2.57
CA GLY A 651 -22.84 -2.96 -3.82
C GLY A 651 -21.81 -4.07 -3.87
N ASN A 652 -20.95 -4.02 -4.89
CA ASN A 652 -19.84 -4.95 -5.04
C ASN A 652 -18.50 -4.25 -4.82
N GLU A 653 -18.48 -3.27 -3.92
CA GLU A 653 -17.26 -2.58 -3.54
C GLU A 653 -17.17 -2.51 -2.03
N ALA A 654 -15.94 -2.56 -1.52
CA ALA A 654 -15.73 -2.54 -0.08
C ALA A 654 -14.43 -1.83 0.25
N PHE A 655 -14.41 -1.21 1.42
CA PHE A 655 -13.21 -0.64 2.02
C PHE A 655 -12.89 -1.43 3.27
N LEU A 656 -11.63 -1.83 3.41
CA LEU A 656 -11.19 -2.66 4.53
C LEU A 656 -10.05 -1.97 5.27
N CYS A 657 -10.19 -1.90 6.59
CA CYS A 657 -9.13 -1.47 7.50
C CYS A 657 -8.61 -2.72 8.19
N ALA A 658 -7.37 -3.09 7.87
CA ALA A 658 -6.78 -4.35 8.31
C ALA A 658 -5.50 -4.16 9.11
N THR A 659 -5.24 -2.95 9.59
CA THR A 659 -4.07 -2.69 10.43
C THR A 659 -4.51 -1.86 11.62
N ASN A 660 -3.69 -1.89 12.68
CA ASN A 660 -3.93 -1.10 13.88
C ASN A 660 -2.64 -0.36 14.23
N PRO A 661 -2.26 0.63 13.41
CA PRO A 661 -0.99 1.33 13.65
C PRO A 661 -1.06 2.21 14.89
N GLN A 662 0.10 2.45 15.48
CA GLN A 662 0.21 3.32 16.64
C GLN A 662 0.03 4.78 16.21
N GLN A 663 -0.21 5.64 17.21
CA GLN A 663 -0.35 7.06 16.94
C GLN A 663 0.95 7.70 16.48
N LYS A 664 2.09 7.04 16.70
CA LYS A 664 3.37 7.62 16.33
C LYS A 664 3.65 7.51 14.84
N VAL A 665 3.27 6.39 14.22
CA VAL A 665 3.58 6.19 12.80
C VAL A 665 2.68 7.03 11.91
N GLY A 666 1.40 7.15 12.26
CA GLY A 666 0.47 7.91 11.46
C GLY A 666 -0.96 7.44 11.54
N MET A 667 -1.60 7.27 10.39
CA MET A 667 -2.98 6.83 10.31
C MET A 667 -3.08 5.63 9.38
N ALA A 668 -4.00 4.72 9.71
CA ALA A 668 -4.17 3.51 8.91
C ALA A 668 -4.64 3.85 7.50
N GLN A 669 -4.08 3.13 6.52
CA GLN A 669 -4.40 3.31 5.11
C GLN A 669 -5.29 2.18 4.65
N PRO A 670 -6.48 2.45 4.12
CA PRO A 670 -7.42 1.37 3.79
C PRO A 670 -7.05 0.59 2.53
N ILE A 671 -7.84 -0.45 2.24
CA ILE A 671 -7.69 -1.29 1.07
C ILE A 671 -9.04 -1.33 0.36
N LYS A 672 -9.03 -1.16 -0.96
CA LYS A 672 -10.26 -1.21 -1.73
C LYS A 672 -10.41 -2.58 -2.40
N ILE A 673 -11.59 -3.17 -2.26
CA ILE A 673 -11.88 -4.49 -2.82
C ILE A 673 -13.05 -4.33 -3.79
N HIS A 674 -12.87 -4.81 -5.02
CA HIS A 674 -13.93 -4.77 -6.03
C HIS A 674 -14.11 -6.15 -6.63
N GLN A 675 -15.36 -6.63 -6.63
CA GLN A 675 -15.68 -7.95 -7.16
C GLN A 675 -16.22 -7.80 -8.59
N VAL A 676 -15.61 -8.52 -9.52
CA VAL A 676 -16.05 -8.50 -10.91
C VAL A 676 -17.07 -9.63 -11.14
N THR A 677 -16.64 -10.86 -10.93
CA THR A 677 -17.51 -12.01 -11.09
C THR A 677 -18.46 -12.11 -9.89
N LYS A 678 -19.61 -12.77 -10.10
CA LYS A 678 -20.66 -12.85 -9.09
C LYS A 678 -20.88 -14.27 -8.60
N THR A 679 -19.83 -15.10 -8.61
CA THR A 679 -20.00 -16.51 -8.23
C THR A 679 -20.17 -16.69 -6.73
N LEU A 680 -19.37 -15.99 -5.92
CA LEU A 680 -19.36 -16.18 -4.48
C LEU A 680 -19.92 -14.96 -3.77
N PRO A 681 -20.50 -15.14 -2.57
CA PRO A 681 -20.94 -13.98 -1.79
C PRO A 681 -19.77 -13.04 -1.50
N PHE A 682 -20.06 -11.74 -1.54
CA PHE A 682 -19.02 -10.73 -1.46
C PHE A 682 -18.49 -10.59 -0.03
N SER A 683 -19.31 -10.88 0.97
CA SER A 683 -18.83 -10.88 2.34
C SER A 683 -17.76 -11.94 2.54
N HIS A 684 -17.94 -13.11 1.93
CA HIS A 684 -16.92 -14.15 2.00
C HIS A 684 -15.64 -13.70 1.31
N ILE A 685 -15.77 -12.95 0.21
CA ILE A 685 -14.59 -12.41 -0.47
C ILE A 685 -13.82 -11.48 0.47
N ILE A 686 -14.53 -10.58 1.14
CA ILE A 686 -13.89 -9.65 2.06
C ILE A 686 -13.23 -10.41 3.21
N GLU A 687 -13.91 -11.42 3.74
CA GLU A 687 -13.36 -12.19 4.86
C GLU A 687 -12.10 -12.94 4.45
N ASP A 688 -12.10 -13.54 3.25
CA ASP A 688 -10.90 -14.20 2.76
C ASP A 688 -9.75 -13.21 2.59
N VAL A 689 -10.06 -12.03 2.05
CA VAL A 689 -9.01 -11.02 1.88
C VAL A 689 -8.42 -10.62 3.23
N TYR A 690 -9.28 -10.43 4.23
CA TYR A 690 -8.79 -10.09 5.57
C TYR A 690 -7.95 -11.21 6.17
N ASN A 691 -8.39 -12.46 6.02
CA ASN A 691 -7.68 -13.58 6.64
C ASN A 691 -6.34 -13.83 5.97
N LEU A 692 -6.23 -13.61 4.65
CA LEU A 692 -4.97 -13.82 3.96
C LEU A 692 -3.90 -12.81 4.37
N SER A 693 -4.28 -11.69 4.97
CA SER A 693 -3.31 -10.67 5.38
C SER A 693 -2.64 -10.98 6.71
N PHE A 694 -3.05 -12.04 7.40
CA PHE A 694 -2.42 -12.47 8.63
C PHE A 694 -1.27 -13.43 8.38
N LEU A 695 -0.72 -13.44 7.18
CA LEU A 695 0.37 -14.35 6.80
C LEU A 695 1.65 -13.58 6.55
N HIS A 696 1.93 -12.58 7.38
CA HIS A 696 3.13 -11.78 7.26
C HIS A 696 4.32 -12.51 7.86
N ILE A 697 4.58 -13.72 7.38
CA ILE A 697 5.63 -14.56 7.94
C ILE A 697 7.02 -13.97 7.74
N HIS A 698 7.15 -12.92 6.93
CA HIS A 698 8.44 -12.29 6.68
C HIS A 698 8.83 -11.29 7.78
N ALA A 699 7.87 -10.83 8.58
CA ALA A 699 8.15 -9.81 9.57
C ALA A 699 7.23 -9.99 10.76
N MET A 700 7.63 -9.44 11.90
CA MET A 700 6.91 -9.65 13.14
C MET A 700 5.68 -8.74 13.26
N ASN A 701 5.61 -7.67 12.49
CA ASN A 701 4.49 -6.74 12.53
C ASN A 701 3.53 -6.99 11.38
N LYS A 702 2.25 -6.73 11.61
CA LYS A 702 1.21 -7.07 10.65
C LYS A 702 1.34 -6.24 9.38
N MET A 703 0.98 -6.86 8.26
CA MET A 703 1.01 -6.20 6.95
C MET A 703 -0.39 -5.78 6.53
N ARG A 704 -0.46 -4.99 5.46
CA ARG A 704 -1.69 -4.38 5.01
C ARG A 704 -2.38 -5.16 3.89
N LEU A 705 -1.62 -5.81 3.03
CA LEU A 705 -2.14 -6.51 1.87
C LEU A 705 -2.24 -8.00 2.14
N PRO A 706 -3.13 -8.70 1.43
CA PRO A 706 -3.14 -10.17 1.52
C PRO A 706 -1.87 -10.76 0.94
N ALA A 707 -1.52 -11.95 1.42
CA ALA A 707 -0.28 -12.60 1.01
C ALA A 707 -0.29 -13.02 -0.46
N THR A 708 -1.44 -13.00 -1.13
CA THR A 708 -1.49 -13.38 -2.53
C THR A 708 -0.76 -12.37 -3.40
N ILE A 709 -0.88 -11.08 -3.10
CA ILE A 709 -0.22 -10.03 -3.88
C ILE A 709 0.94 -9.40 -3.14
N HIS A 710 1.30 -9.92 -1.95
CA HIS A 710 2.44 -9.42 -1.19
C HIS A 710 3.22 -10.64 -0.69
N TYR A 711 4.16 -11.11 -1.51
CA TYR A 711 4.95 -12.28 -1.17
C TYR A 711 6.36 -12.11 -1.70
N ALA A 712 7.32 -12.63 -0.96
CA ALA A 712 8.73 -12.51 -1.36
C ALA A 712 9.04 -13.42 -2.53
N ASP A 713 10.18 -13.16 -3.17
CA ASP A 713 10.65 -13.97 -4.29
C ASP A 713 11.20 -15.27 -3.77
N LEU A 714 10.44 -16.36 -3.96
CA LEU A 714 10.79 -17.69 -3.48
C LEU A 714 11.04 -17.70 -1.97
#